data_1A4R
#
_entry.id   1A4R
#
_cell.length_a   98.650
_cell.length_b   98.650
_cell.length_c   104.160
_cell.angle_alpha   90.00
_cell.angle_beta   90.00
_cell.angle_gamma   90.00
#
_symmetry.space_group_name_H-M   'P 41 21 2'
#
loop_
_entity.id
_entity.type
_entity.pdbx_description
1 polymer 'G25K GTP-BINDING PROTEIN'
2 non-polymer 'MAGNESIUM ION'
3 non-polymer "GUANOSINE-5'-DIPHOSPHATE"
4 non-polymer 'AMINOPHOSPHONIC ACID-GUANYLATE ESTER'
5 water water
#
_entity_poly.entity_id   1
_entity_poly.type   'polypeptide(L)'
_entity_poly.pdbx_seq_one_letter_code
;MQTIKCVVVGDVAVGKTCLLISYTTNKFPSEYVPTVFDNYAVTVMIGGEPYTLGLFDTAGQEDYDRLRPLSYPQTDVFLV
CFSVVSPSSFENVKEKWVPEITHHCPKTPFLLVGTQIDLRDDPSTIEKLAKNKQKPITPETAEKLARDLKAVKYVECSAL
TQKGLKNVFDEAILAALEPPEPKKSRRCVLL
;
_entity_poly.pdbx_strand_id   A,B
#
loop_
_chem_comp.id
_chem_comp.type
_chem_comp.name
_chem_comp.formula
GDP RNA linking GUANOSINE-5'-DIPHOSPHATE 'C10 H15 N5 O11 P2'
GNH non-polymer 'AMINOPHOSPHONIC ACID-GUANYLATE ESTER' 'C10 H16 N6 O10 P2'
MG non-polymer 'MAGNESIUM ION' 'Mg 2'
#
# COMPACT_ATOMS: atom_id res chain seq x y z
N MET A 1 8.42 5.22 -21.70
CA MET A 1 9.27 4.99 -20.49
C MET A 1 9.03 3.60 -19.94
N GLN A 2 9.17 3.44 -18.63
CA GLN A 2 8.96 2.16 -17.97
C GLN A 2 7.48 2.04 -17.63
N THR A 3 6.89 0.88 -17.92
CA THR A 3 5.47 0.69 -17.69
C THR A 3 5.03 -0.67 -17.10
N ILE A 4 3.86 -0.67 -16.47
CA ILE A 4 3.29 -1.86 -15.85
C ILE A 4 1.83 -1.99 -16.27
N LYS A 5 1.47 -3.08 -16.92
CA LYS A 5 0.09 -3.28 -17.35
C LYS A 5 -0.69 -4.18 -16.39
N CYS A 6 -1.81 -3.64 -15.88
CA CYS A 6 -2.64 -4.39 -14.95
C CYS A 6 -4.05 -4.53 -15.50
N VAL A 7 -4.45 -5.76 -15.82
CA VAL A 7 -5.80 -6.00 -16.33
C VAL A 7 -6.68 -6.47 -15.19
N VAL A 8 -7.86 -5.88 -15.10
CA VAL A 8 -8.82 -6.20 -14.05
C VAL A 8 -9.99 -7.01 -14.58
N VAL A 9 -10.19 -8.21 -14.04
CA VAL A 9 -11.29 -9.08 -14.47
C VAL A 9 -12.19 -9.50 -13.32
N GLY A 10 -13.41 -9.91 -13.66
CA GLY A 10 -14.34 -10.33 -12.65
C GLY A 10 -15.77 -10.25 -13.11
N ASP A 11 -16.66 -10.91 -12.38
CA ASP A 11 -18.08 -10.94 -12.70
C ASP A 11 -18.61 -9.51 -12.82
N VAL A 12 -19.61 -9.34 -13.65
CA VAL A 12 -20.23 -8.03 -13.81
C VAL A 12 -20.81 -7.63 -12.46
N ALA A 13 -20.70 -6.34 -12.13
CA ALA A 13 -21.24 -5.80 -10.91
C ALA A 13 -20.45 -6.01 -9.63
N VAL A 14 -19.25 -6.58 -9.69
CA VAL A 14 -18.45 -6.77 -8.48
C VAL A 14 -17.80 -5.45 -8.10
N GLY A 15 -17.80 -4.51 -9.04
CA GLY A 15 -17.25 -3.20 -8.78
C GLY A 15 -15.89 -2.89 -9.39
N LYS A 16 -15.56 -3.53 -10.51
CA LYS A 16 -14.25 -3.31 -11.12
C LYS A 16 -14.02 -1.85 -11.47
N THR A 17 -14.99 -1.26 -12.14
CA THR A 17 -14.88 0.13 -12.56
C THR A 17 -14.86 1.10 -11.41
N CYS A 18 -15.76 0.93 -10.45
CA CYS A 18 -15.80 1.85 -9.33
C CYS A 18 -14.48 1.86 -8.61
N LEU A 19 -13.85 0.70 -8.53
CA LEU A 19 -12.56 0.58 -7.86
C LEU A 19 -11.46 1.20 -8.70
N LEU A 20 -11.63 1.20 -10.00
CA LEU A 20 -10.64 1.79 -10.88
C LEU A 20 -10.75 3.31 -10.79
N ILE A 21 -11.98 3.81 -10.86
CA ILE A 21 -12.22 5.26 -10.79
C ILE A 21 -11.86 5.80 -9.41
N SER A 22 -12.34 5.14 -8.37
CA SER A 22 -12.07 5.52 -6.99
C SER A 22 -10.57 5.67 -6.74
N TYR A 23 -9.79 4.75 -7.28
CA TYR A 23 -8.35 4.80 -7.07
C TYR A 23 -7.68 5.89 -7.89
N THR A 24 -8.05 6.01 -9.16
CA THR A 24 -7.45 7.02 -10.05
C THR A 24 -7.94 8.47 -9.79
N THR A 25 -9.20 8.62 -9.40
CA THR A 25 -9.71 9.96 -9.15
C THR A 25 -9.82 10.31 -7.67
N ASN A 26 -9.60 9.33 -6.81
CA ASN A 26 -9.67 9.56 -5.38
C ASN A 26 -11.09 9.90 -4.97
N LYS A 27 -12.04 9.56 -5.81
CA LYS A 27 -13.44 9.82 -5.51
C LYS A 27 -14.27 8.69 -6.08
N PHE A 28 -15.14 8.14 -5.24
CA PHE A 28 -16.06 7.07 -5.63
C PHE A 28 -17.18 7.67 -6.48
N PRO A 29 -17.41 7.12 -7.67
CA PRO A 29 -18.49 7.66 -8.52
C PRO A 29 -19.88 7.35 -7.92
N SER A 30 -20.22 8.00 -6.81
CA SER A 30 -21.51 7.77 -6.16
C SER A 30 -22.72 8.14 -7.03
N GLU A 31 -22.49 9.06 -7.97
CA GLU A 31 -23.53 9.56 -8.87
C GLU A 31 -24.00 8.56 -9.93
N TYR A 32 -23.20 8.44 -10.99
CA TYR A 32 -23.50 7.55 -12.08
C TYR A 32 -22.16 6.92 -12.46
N VAL A 33 -22.17 5.64 -12.84
CA VAL A 33 -20.92 4.94 -13.20
C VAL A 33 -20.62 4.92 -14.71
N PRO A 34 -19.46 5.46 -15.12
CA PRO A 34 -19.03 5.49 -16.52
C PRO A 34 -19.20 4.14 -17.23
N THR A 35 -20.15 4.09 -18.14
CA THR A 35 -20.48 2.86 -18.87
C THR A 35 -19.43 2.34 -19.85
N VAL A 36 -18.54 3.21 -20.29
CA VAL A 36 -17.49 2.82 -21.23
C VAL A 36 -16.37 2.02 -20.58
N PHE A 37 -15.93 0.95 -21.24
CA PHE A 37 -14.87 0.11 -20.72
C PHE A 37 -13.54 0.75 -21.08
N ASP A 38 -12.99 1.46 -20.12
CA ASP A 38 -11.75 2.20 -20.30
C ASP A 38 -10.56 1.60 -19.62
N ASN A 39 -9.43 2.25 -19.87
CA ASN A 39 -8.17 1.87 -19.26
C ASN A 39 -7.65 3.21 -18.82
N TYR A 40 -7.01 3.24 -17.66
CA TYR A 40 -6.50 4.46 -17.09
C TYR A 40 -5.00 4.33 -16.96
N ALA A 41 -4.35 5.42 -16.58
CA ALA A 41 -2.90 5.42 -16.41
C ALA A 41 -2.53 6.32 -15.27
N VAL A 42 -1.72 5.77 -14.37
CA VAL A 42 -1.25 6.48 -13.19
C VAL A 42 0.27 6.47 -13.25
N THR A 43 0.89 7.52 -12.73
CA THR A 43 2.34 7.55 -12.70
C THR A 43 2.73 7.21 -11.28
N VAL A 44 3.64 6.26 -11.15
CA VAL A 44 4.10 5.79 -9.85
C VAL A 44 5.60 5.86 -9.73
N MET A 45 6.07 6.37 -8.60
CA MET A 45 7.51 6.48 -8.37
C MET A 45 8.02 5.22 -7.69
N ILE A 46 8.96 4.56 -8.34
CA ILE A 46 9.56 3.36 -7.79
C ILE A 46 11.07 3.57 -7.81
N GLY A 47 11.68 3.57 -6.63
CA GLY A 47 13.11 3.76 -6.54
C GLY A 47 13.48 5.08 -7.17
N GLY A 48 12.68 6.10 -6.90
CA GLY A 48 12.93 7.42 -7.44
C GLY A 48 12.71 7.53 -8.94
N GLU A 49 12.22 6.45 -9.54
CA GLU A 49 11.98 6.41 -10.98
C GLU A 49 10.49 6.43 -11.32
N PRO A 50 10.11 7.20 -12.35
CA PRO A 50 8.69 7.28 -12.74
C PRO A 50 8.28 6.11 -13.63
N TYR A 51 7.18 5.46 -13.26
CA TYR A 51 6.65 4.31 -13.99
C TYR A 51 5.21 4.62 -14.36
N THR A 52 4.79 4.15 -15.52
CA THR A 52 3.41 4.36 -15.95
C THR A 52 2.61 3.12 -15.65
N LEU A 53 1.58 3.27 -14.82
CA LEU A 53 0.74 2.13 -14.48
C LEU A 53 -0.56 2.13 -15.28
N GLY A 54 -0.67 1.21 -16.22
CA GLY A 54 -1.87 1.11 -17.03
C GLY A 54 -2.88 0.20 -16.36
N LEU A 55 -4.09 0.70 -16.16
CA LEU A 55 -5.15 -0.08 -15.53
C LEU A 55 -6.21 -0.34 -16.59
N PHE A 56 -6.50 -1.60 -16.85
CA PHE A 56 -7.47 -1.91 -17.89
C PHE A 56 -8.72 -2.59 -17.37
N ASP A 57 -9.85 -1.92 -17.56
CA ASP A 57 -11.13 -2.45 -17.15
C ASP A 57 -11.59 -3.41 -18.23
N THR A 58 -12.49 -4.33 -17.87
CA THR A 58 -13.00 -5.31 -18.82
C THR A 58 -14.51 -5.53 -18.65
N ALA A 59 -15.10 -6.22 -19.63
CA ALA A 59 -16.52 -6.55 -19.59
C ALA A 59 -16.62 -8.03 -19.15
N GLY A 60 -17.13 -8.24 -17.94
CA GLY A 60 -17.25 -9.58 -17.40
C GLY A 60 -18.33 -10.45 -18.02
N GLN A 61 -19.27 -9.82 -18.76
CA GLN A 61 -20.38 -10.50 -19.43
C GLN A 61 -19.95 -11.70 -20.26
N GLU A 62 -20.73 -12.78 -20.19
CA GLU A 62 -20.44 -13.99 -20.95
C GLU A 62 -20.39 -13.68 -22.46
N ASP A 63 -21.05 -12.60 -22.85
CA ASP A 63 -21.08 -12.21 -24.26
C ASP A 63 -19.73 -11.75 -24.80
N TYR A 64 -18.72 -11.57 -23.95
CA TYR A 64 -17.39 -11.14 -24.40
C TYR A 64 -16.32 -12.15 -24.14
N ASP A 65 -16.72 -13.39 -23.87
CA ASP A 65 -15.73 -14.43 -23.62
C ASP A 65 -14.73 -14.38 -24.77
N ARG A 66 -15.26 -14.31 -25.98
CA ARG A 66 -14.42 -14.26 -27.18
C ARG A 66 -13.53 -13.03 -27.24
N LEU A 67 -14.11 -11.85 -27.03
CA LEU A 67 -13.36 -10.60 -27.14
C LEU A 67 -12.46 -10.22 -25.96
N ARG A 68 -13.02 -10.27 -24.76
CA ARG A 68 -12.29 -9.90 -23.54
C ARG A 68 -10.80 -10.22 -23.52
N PRO A 69 -10.41 -11.46 -23.85
CA PRO A 69 -8.99 -11.85 -23.85
C PRO A 69 -8.10 -11.01 -24.76
N LEU A 70 -8.72 -10.29 -25.69
CA LEU A 70 -7.97 -9.45 -26.61
C LEU A 70 -7.15 -8.38 -25.86
N SER A 71 -7.45 -8.16 -24.58
CA SER A 71 -6.75 -7.16 -23.80
C SER A 71 -5.66 -7.76 -22.93
N TYR A 72 -5.57 -9.09 -22.90
CA TYR A 72 -4.60 -9.76 -22.05
C TYR A 72 -3.14 -9.68 -22.45
N PRO A 73 -2.86 -9.58 -23.75
CA PRO A 73 -1.44 -9.49 -24.14
C PRO A 73 -0.71 -8.35 -23.46
N GLN A 74 0.51 -8.63 -23.00
CA GLN A 74 1.35 -7.63 -22.35
C GLN A 74 1.08 -7.44 -20.86
N THR A 75 -0.03 -7.98 -20.37
CA THR A 75 -0.35 -7.82 -18.96
C THR A 75 0.79 -8.29 -18.06
N ASP A 76 1.08 -7.52 -17.02
CA ASP A 76 2.13 -7.87 -16.07
C ASP A 76 1.53 -8.57 -14.86
N VAL A 77 0.27 -8.23 -14.57
CA VAL A 77 -0.46 -8.80 -13.43
C VAL A 77 -1.96 -8.59 -13.62
N PHE A 78 -2.75 -9.52 -13.08
CA PHE A 78 -4.20 -9.44 -13.17
C PHE A 78 -4.81 -9.26 -11.80
N LEU A 79 -6.00 -8.68 -11.78
CA LEU A 79 -6.72 -8.50 -10.54
C LEU A 79 -8.02 -9.27 -10.76
N VAL A 80 -8.13 -10.44 -10.13
CA VAL A 80 -9.34 -11.25 -10.24
C VAL A 80 -10.26 -10.81 -9.11
N CYS A 81 -11.32 -10.08 -9.47
CA CYS A 81 -12.20 -9.56 -8.46
C CYS A 81 -13.53 -10.29 -8.28
N PHE A 82 -13.99 -10.25 -7.03
CA PHE A 82 -15.25 -10.83 -6.62
C PHE A 82 -15.70 -9.95 -5.45
N SER A 83 -17.01 -9.84 -5.26
CA SER A 83 -17.55 -9.04 -4.19
C SER A 83 -17.66 -9.94 -2.98
N VAL A 84 -17.22 -9.47 -1.81
CA VAL A 84 -17.29 -10.31 -0.60
C VAL A 84 -18.73 -10.49 -0.13
N VAL A 85 -19.67 -9.97 -0.91
CA VAL A 85 -21.09 -10.10 -0.58
C VAL A 85 -21.86 -10.81 -1.69
N SER A 86 -21.15 -11.29 -2.72
CA SER A 86 -21.76 -12.02 -3.83
C SER A 86 -21.12 -13.40 -4.02
N PRO A 87 -21.76 -14.43 -3.46
CA PRO A 87 -21.25 -15.79 -3.57
C PRO A 87 -21.01 -16.21 -5.02
N SER A 88 -21.94 -15.87 -5.89
CA SER A 88 -21.80 -16.23 -7.30
C SER A 88 -20.50 -15.71 -7.89
N SER A 89 -20.15 -14.47 -7.56
CA SER A 89 -18.93 -13.85 -8.06
C SER A 89 -17.69 -14.58 -7.54
N PHE A 90 -17.78 -15.06 -6.29
CA PHE A 90 -16.69 -15.78 -5.67
C PHE A 90 -16.50 -17.15 -6.34
N GLU A 91 -17.60 -17.85 -6.54
CA GLU A 91 -17.55 -19.16 -7.18
C GLU A 91 -16.93 -19.08 -8.57
N ASN A 92 -17.28 -18.02 -9.30
CA ASN A 92 -16.79 -17.84 -10.67
C ASN A 92 -15.32 -17.56 -10.79
N VAL A 93 -14.67 -17.23 -9.68
CA VAL A 93 -13.24 -16.96 -9.68
C VAL A 93 -12.51 -18.25 -10.07
N LYS A 94 -12.84 -19.33 -9.36
CA LYS A 94 -12.23 -20.62 -9.63
C LYS A 94 -12.92 -21.25 -10.83
N GLU A 95 -14.21 -21.02 -10.95
CA GLU A 95 -15.00 -21.57 -12.06
C GLU A 95 -14.67 -20.98 -13.43
N LYS A 96 -14.53 -19.65 -13.48
CA LYS A 96 -14.29 -18.98 -14.74
C LYS A 96 -13.05 -18.13 -14.91
N TRP A 97 -12.87 -17.18 -13.99
CA TRP A 97 -11.77 -16.24 -14.07
C TRP A 97 -10.34 -16.77 -14.02
N VAL A 98 -9.96 -17.48 -12.97
CA VAL A 98 -8.59 -17.96 -12.93
C VAL A 98 -8.35 -18.93 -14.07
N PRO A 99 -9.28 -19.87 -14.29
CA PRO A 99 -9.08 -20.81 -15.40
C PRO A 99 -8.77 -20.04 -16.68
N GLU A 100 -9.56 -19.02 -16.94
CA GLU A 100 -9.37 -18.24 -18.16
C GLU A 100 -8.05 -17.48 -18.27
N ILE A 101 -7.72 -16.65 -17.29
CA ILE A 101 -6.46 -15.92 -17.43
C ILE A 101 -5.28 -16.86 -17.36
N THR A 102 -5.47 -17.99 -16.70
CA THR A 102 -4.41 -18.98 -16.60
C THR A 102 -4.19 -19.60 -17.98
N HIS A 103 -5.29 -19.86 -18.65
CA HIS A 103 -5.23 -20.43 -19.99
C HIS A 103 -4.49 -19.49 -20.93
N HIS A 104 -4.90 -18.22 -20.95
CA HIS A 104 -4.28 -17.23 -21.81
C HIS A 104 -2.92 -16.68 -21.37
N CYS A 105 -2.70 -16.57 -20.06
CA CYS A 105 -1.45 -16.02 -19.54
C CYS A 105 -0.88 -16.86 -18.44
N PRO A 106 -0.47 -18.08 -18.76
CA PRO A 106 0.11 -19.07 -17.84
C PRO A 106 1.21 -18.57 -16.91
N LYS A 107 2.07 -17.70 -17.40
CA LYS A 107 3.17 -17.19 -16.60
C LYS A 107 2.83 -15.88 -15.89
N THR A 108 1.66 -15.31 -16.18
CA THR A 108 1.30 -14.03 -15.59
C THR A 108 0.69 -14.11 -14.19
N PRO A 109 1.29 -13.40 -13.21
CA PRO A 109 0.80 -13.40 -11.82
C PRO A 109 -0.53 -12.71 -11.63
N PHE A 110 -1.24 -13.07 -10.56
CA PHE A 110 -2.52 -12.46 -10.31
C PHE A 110 -2.83 -12.40 -8.83
N LEU A 111 -3.62 -11.40 -8.45
CA LEU A 111 -4.01 -11.22 -7.07
C LEU A 111 -5.50 -11.47 -7.00
N LEU A 112 -5.95 -11.93 -5.85
CA LEU A 112 -7.36 -12.17 -5.64
C LEU A 112 -7.85 -10.92 -4.93
N VAL A 113 -8.91 -10.29 -5.44
CA VAL A 113 -9.40 -9.07 -4.83
C VAL A 113 -10.84 -9.13 -4.37
N GLY A 114 -11.04 -9.01 -3.08
CA GLY A 114 -12.39 -9.00 -2.54
C GLY A 114 -12.79 -7.54 -2.61
N THR A 115 -13.96 -7.26 -3.18
CA THR A 115 -14.43 -5.89 -3.30
C THR A 115 -15.68 -5.62 -2.46
N GLN A 116 -15.95 -4.34 -2.21
CA GLN A 116 -17.13 -3.93 -1.44
C GLN A 116 -17.17 -4.49 -0.02
N ILE A 117 -16.03 -4.51 0.65
CA ILE A 117 -15.95 -5.03 2.00
C ILE A 117 -16.75 -4.22 3.02
N ASP A 118 -17.21 -3.04 2.60
CA ASP A 118 -17.99 -2.19 3.49
C ASP A 118 -19.40 -2.78 3.70
N LEU A 119 -19.84 -3.57 2.73
CA LEU A 119 -21.15 -4.19 2.77
C LEU A 119 -21.19 -5.45 3.60
N ARG A 120 -20.04 -5.88 4.10
CA ARG A 120 -20.01 -7.09 4.91
C ARG A 120 -20.73 -6.82 6.22
N ASP A 121 -20.63 -5.57 6.69
CA ASP A 121 -21.27 -5.19 7.93
C ASP A 121 -22.58 -4.43 7.72
N ASP A 122 -23.12 -4.47 6.51
CA ASP A 122 -24.37 -3.78 6.24
C ASP A 122 -25.57 -4.69 6.45
N PRO A 123 -26.52 -4.27 7.29
CA PRO A 123 -27.72 -5.06 7.59
C PRO A 123 -28.42 -5.55 6.34
N SER A 124 -29.12 -4.64 5.69
CA SER A 124 -29.86 -4.91 4.47
C SER A 124 -29.26 -6.03 3.63
N THR A 125 -28.01 -5.84 3.18
CA THR A 125 -27.34 -6.84 2.36
C THR A 125 -27.30 -8.19 3.08
N ILE A 126 -26.79 -8.18 4.31
CA ILE A 126 -26.69 -9.39 5.10
C ILE A 126 -28.04 -10.10 5.20
N GLU A 127 -29.10 -9.32 5.38
CA GLU A 127 -30.44 -9.87 5.47
C GLU A 127 -30.75 -10.58 4.15
N LYS A 128 -30.96 -9.80 3.11
CA LYS A 128 -31.27 -10.28 1.76
C LYS A 128 -30.45 -11.50 1.36
N LEU A 129 -29.21 -11.54 1.83
CA LEU A 129 -28.29 -12.62 1.57
C LEU A 129 -28.74 -13.85 2.32
N ALA A 130 -28.82 -13.72 3.64
CA ALA A 130 -29.24 -14.81 4.51
C ALA A 130 -30.57 -15.38 4.05
N LYS A 131 -31.48 -14.49 3.64
CA LYS A 131 -32.79 -14.90 3.17
C LYS A 131 -32.67 -15.92 2.04
N ASN A 132 -31.78 -15.65 1.09
CA ASN A 132 -31.58 -16.58 0.00
C ASN A 132 -30.51 -17.61 0.39
N LYS A 133 -30.60 -18.07 1.64
CA LYS A 133 -29.69 -19.05 2.24
C LYS A 133 -28.20 -18.79 2.06
N GLN A 134 -27.81 -17.51 2.03
CA GLN A 134 -26.41 -17.15 1.84
C GLN A 134 -25.80 -16.28 2.94
N LYS A 135 -24.49 -16.04 2.82
CA LYS A 135 -23.74 -15.26 3.79
C LYS A 135 -22.48 -14.69 3.11
N PRO A 136 -22.06 -13.46 3.48
CA PRO A 136 -20.86 -12.88 2.87
C PRO A 136 -19.62 -13.74 3.02
N ILE A 137 -18.72 -13.66 2.02
CA ILE A 137 -17.48 -14.42 2.01
C ILE A 137 -16.58 -13.79 3.06
N THR A 138 -15.88 -14.65 3.80
CA THR A 138 -14.98 -14.21 4.86
C THR A 138 -13.53 -14.25 4.35
N PRO A 139 -12.68 -13.37 4.88
CA PRO A 139 -11.26 -13.35 4.46
C PRO A 139 -10.59 -14.73 4.45
N GLU A 140 -10.86 -15.55 5.48
CA GLU A 140 -10.28 -16.88 5.58
C GLU A 140 -10.61 -17.72 4.36
N THR A 141 -11.90 -17.73 4.05
CA THR A 141 -12.41 -18.48 2.92
C THR A 141 -11.70 -18.05 1.66
N ALA A 142 -11.68 -16.74 1.41
CA ALA A 142 -11.04 -16.17 0.24
C ALA A 142 -9.55 -16.46 0.24
N GLU A 143 -8.94 -16.28 1.40
CA GLU A 143 -7.49 -16.52 1.53
C GLU A 143 -7.18 -17.95 1.16
N LYS A 144 -8.08 -18.85 1.52
CA LYS A 144 -7.92 -20.27 1.24
C LYS A 144 -8.02 -20.49 -0.27
N LEU A 145 -9.03 -19.88 -0.90
CA LEU A 145 -9.19 -19.99 -2.34
C LEU A 145 -7.95 -19.45 -3.03
N ALA A 146 -7.41 -18.35 -2.49
CA ALA A 146 -6.20 -17.73 -3.03
C ALA A 146 -5.05 -18.73 -2.95
N ARG A 147 -4.91 -19.38 -1.80
CA ARG A 147 -3.86 -20.36 -1.60
C ARG A 147 -3.99 -21.47 -2.64
N ASP A 148 -5.18 -22.07 -2.72
CA ASP A 148 -5.46 -23.15 -3.66
C ASP A 148 -5.16 -22.82 -5.10
N LEU A 149 -5.86 -21.80 -5.61
CA LEU A 149 -5.71 -21.37 -7.01
C LEU A 149 -4.34 -20.78 -7.31
N LYS A 150 -3.52 -20.66 -6.27
CA LYS A 150 -2.17 -20.13 -6.40
C LYS A 150 -2.10 -18.65 -6.81
N ALA A 151 -2.88 -17.82 -6.15
CA ALA A 151 -2.87 -16.38 -6.42
C ALA A 151 -1.65 -15.85 -5.69
N VAL A 152 -1.13 -14.71 -6.13
CA VAL A 152 0.03 -14.14 -5.47
C VAL A 152 -0.28 -13.83 -4.02
N LYS A 153 -1.53 -13.46 -3.76
CA LYS A 153 -1.99 -13.16 -2.42
C LYS A 153 -3.42 -12.65 -2.48
N TYR A 154 -4.10 -12.61 -1.34
CA TYR A 154 -5.48 -12.12 -1.29
C TYR A 154 -5.52 -10.74 -0.69
N VAL A 155 -6.36 -9.88 -1.26
CA VAL A 155 -6.53 -8.51 -0.80
C VAL A 155 -7.97 -8.06 -1.01
N GLU A 156 -8.50 -7.27 -0.10
CA GLU A 156 -9.85 -6.77 -0.28
C GLU A 156 -9.89 -5.26 -0.03
N CYS A 157 -11.01 -4.65 -0.36
CA CYS A 157 -11.13 -3.21 -0.22
C CYS A 157 -12.54 -2.74 -0.50
N SER A 158 -12.74 -1.45 -0.33
CA SER A 158 -14.02 -0.85 -0.60
C SER A 158 -13.73 0.37 -1.47
N ALA A 159 -14.25 0.36 -2.69
CA ALA A 159 -14.05 1.48 -3.57
C ALA A 159 -14.80 2.66 -2.95
N LEU A 160 -15.84 2.32 -2.18
CA LEU A 160 -16.69 3.32 -1.53
C LEU A 160 -16.01 4.05 -0.39
N THR A 161 -15.47 3.33 0.59
CA THR A 161 -14.78 3.98 1.71
C THR A 161 -13.29 4.11 1.38
N GLN A 162 -12.86 3.45 0.31
CA GLN A 162 -11.47 3.48 -0.15
C GLN A 162 -10.50 2.70 0.75
N LYS A 163 -11.06 2.03 1.76
CA LYS A 163 -10.26 1.23 2.68
C LYS A 163 -9.48 0.15 1.95
N GLY A 164 -8.16 0.16 2.13
CA GLY A 164 -7.31 -0.83 1.50
C GLY A 164 -7.18 -0.68 0.00
N LEU A 165 -7.87 0.29 -0.58
CA LEU A 165 -7.82 0.50 -2.02
C LEU A 165 -6.41 0.76 -2.57
N LYS A 166 -5.70 1.69 -1.95
CA LYS A 166 -4.35 2.03 -2.40
C LYS A 166 -3.48 0.79 -2.34
N ASN A 167 -3.62 0.09 -1.22
CA ASN A 167 -2.88 -1.13 -0.95
C ASN A 167 -3.06 -2.22 -2.02
N VAL A 168 -4.28 -2.37 -2.53
CA VAL A 168 -4.57 -3.36 -3.55
C VAL A 168 -3.66 -3.14 -4.75
N PHE A 169 -3.48 -1.89 -5.13
CA PHE A 169 -2.64 -1.55 -6.26
C PHE A 169 -1.15 -1.51 -5.94
N ASP A 170 -0.82 -1.34 -4.66
CA ASP A 170 0.58 -1.34 -4.22
C ASP A 170 1.07 -2.77 -4.40
N GLU A 171 0.25 -3.70 -3.94
CA GLU A 171 0.54 -5.12 -4.06
C GLU A 171 0.64 -5.50 -5.55
N ALA A 172 -0.29 -5.00 -6.34
CA ALA A 172 -0.30 -5.26 -7.77
C ALA A 172 1.05 -4.89 -8.34
N ILE A 173 1.54 -3.71 -7.98
CA ILE A 173 2.82 -3.22 -8.45
C ILE A 173 3.95 -4.12 -8.01
N LEU A 174 4.00 -4.41 -6.71
CA LEU A 174 5.04 -5.28 -6.18
C LEU A 174 5.05 -6.61 -6.92
N ALA A 175 3.86 -7.16 -7.11
CA ALA A 175 3.74 -8.43 -7.79
C ALA A 175 4.15 -8.32 -9.24
N ALA A 176 3.83 -7.19 -9.87
CA ALA A 176 4.13 -6.98 -11.28
C ALA A 176 5.60 -6.76 -11.59
N LEU A 177 6.31 -6.10 -10.68
CA LEU A 177 7.73 -5.80 -10.88
C LEU A 177 8.48 -6.94 -11.55
N GLU A 178 8.88 -6.71 -12.81
CA GLU A 178 9.59 -7.69 -13.62
C GLU A 178 11.07 -7.86 -13.27
N PRO A 179 11.67 -8.99 -13.67
CA PRO A 179 13.07 -9.32 -13.42
C PRO A 179 14.05 -8.75 -14.44
N PRO A 180 15.34 -8.62 -14.05
CA PRO A 180 16.43 -8.09 -14.88
C PRO A 180 16.39 -8.51 -16.35
N GLU A 181 16.93 -9.69 -16.66
CA GLU A 181 16.95 -10.21 -18.03
C GLU A 181 15.54 -10.56 -18.51
N PRO A 182 15.16 -10.09 -19.71
CA PRO A 182 13.84 -10.34 -20.32
C PRO A 182 13.47 -11.81 -20.53
N LYS A 183 14.43 -12.70 -20.28
CA LYS A 183 14.21 -14.13 -20.46
C LYS A 183 13.19 -14.67 -19.46
N LYS A 184 13.07 -14.00 -18.31
CA LYS A 184 12.14 -14.41 -17.26
C LYS A 184 10.96 -13.43 -17.15
N SER A 185 10.46 -12.95 -18.29
CA SER A 185 9.33 -12.03 -18.30
C SER A 185 8.03 -12.78 -18.09
N ARG A 186 7.13 -12.19 -17.31
CA ARG A 186 5.81 -12.77 -17.02
C ARG A 186 4.72 -12.09 -17.86
N ARG A 187 5.13 -11.12 -18.67
CA ARG A 187 4.21 -10.38 -19.53
C ARG A 187 3.47 -11.33 -20.46
N CYS A 188 2.15 -11.38 -20.32
CA CYS A 188 1.35 -12.26 -21.15
C CYS A 188 1.63 -12.07 -22.64
N VAL A 189 1.61 -13.19 -23.37
CA VAL A 189 1.85 -13.20 -24.81
C VAL A 189 0.86 -14.12 -25.51
N LEU A 190 0.72 -13.92 -26.82
CA LEU A 190 -0.18 -14.71 -27.66
C LEU A 190 0.58 -15.67 -28.55
N MET B 1 19.44 -13.92 -0.91
CA MET B 1 18.21 -13.14 -0.56
C MET B 1 18.52 -11.64 -0.56
N GLN B 2 17.63 -10.87 -1.17
CA GLN B 2 17.78 -9.42 -1.25
C GLN B 2 17.23 -8.73 0.00
N THR B 3 17.83 -7.62 0.40
CA THR B 3 17.35 -6.91 1.58
C THR B 3 17.16 -5.40 1.41
N ILE B 4 16.31 -4.84 2.26
CA ILE B 4 16.02 -3.41 2.24
C ILE B 4 16.05 -2.86 3.66
N LYS B 5 16.92 -1.89 3.92
CA LYS B 5 17.03 -1.31 5.26
C LYS B 5 16.25 -0.03 5.40
N CYS B 6 15.35 0.01 6.38
CA CYS B 6 14.54 1.18 6.62
C CYS B 6 14.71 1.68 8.03
N VAL B 7 15.32 2.85 8.18
CA VAL B 7 15.52 3.44 9.50
C VAL B 7 14.41 4.45 9.75
N VAL B 8 13.85 4.38 10.95
CA VAL B 8 12.75 5.24 11.36
C VAL B 8 13.20 6.27 12.39
N VAL B 9 13.04 7.55 12.06
CA VAL B 9 13.45 8.62 12.98
C VAL B 9 12.31 9.58 13.27
N GLY B 10 12.45 10.30 14.38
CA GLY B 10 11.41 11.25 14.75
C GLY B 10 11.44 11.59 16.23
N ASP B 11 10.74 12.66 16.58
CA ASP B 11 10.65 13.12 17.96
C ASP B 11 10.12 12.02 18.88
N VAL B 12 10.53 12.05 20.13
CA VAL B 12 10.07 11.03 21.07
C VAL B 12 8.57 11.20 21.26
N ALA B 13 7.86 10.08 21.37
CA ALA B 13 6.42 10.04 21.59
C ALA B 13 5.51 10.21 20.37
N VAL B 14 6.09 10.36 19.18
CA VAL B 14 5.29 10.52 17.96
C VAL B 14 4.63 9.20 17.59
N GLY B 15 5.08 8.12 18.24
CA GLY B 15 4.51 6.81 17.99
C GLY B 15 5.32 5.94 17.05
N LYS B 16 6.64 6.06 17.10
CA LYS B 16 7.53 5.28 16.23
C LYS B 16 7.41 3.78 16.52
N THR B 17 7.64 3.43 17.78
CA THR B 17 7.58 2.04 18.20
C THR B 17 6.23 1.38 17.99
N CYS B 18 5.16 2.07 18.39
CA CYS B 18 3.82 1.52 18.23
C CYS B 18 3.52 1.19 16.78
N LEU B 19 3.89 2.09 15.88
CA LEU B 19 3.64 1.88 14.46
C LEU B 19 4.48 0.71 13.92
N LEU B 20 5.66 0.50 14.51
CA LEU B 20 6.50 -0.61 14.07
C LEU B 20 5.87 -1.92 14.53
N ILE B 21 5.53 -1.97 15.82
CA ILE B 21 4.91 -3.14 16.40
C ILE B 21 3.59 -3.45 15.71
N SER B 22 2.74 -2.44 15.63
CA SER B 22 1.44 -2.60 15.00
C SER B 22 1.57 -3.18 13.59
N TYR B 23 2.61 -2.76 12.88
CA TYR B 23 2.83 -3.22 11.52
C TYR B 23 3.34 -4.64 11.47
N THR B 24 4.36 -4.91 12.27
CA THR B 24 4.97 -6.23 12.32
C THR B 24 4.12 -7.30 13.00
N THR B 25 3.35 -6.92 14.01
CA THR B 25 2.51 -7.86 14.75
C THR B 25 1.02 -7.77 14.43
N ASN B 26 0.63 -6.77 13.66
CA ASN B 26 -0.77 -6.60 13.30
C ASN B 26 -1.65 -6.33 14.51
N LYS B 27 -1.00 -5.93 15.61
CA LYS B 27 -1.71 -5.62 16.84
C LYS B 27 -1.03 -4.44 17.53
N PHE B 28 -1.83 -3.44 17.89
CA PHE B 28 -1.33 -2.25 18.57
C PHE B 28 -0.96 -2.55 20.03
N PRO B 29 0.26 -2.18 20.45
CA PRO B 29 0.74 -2.41 21.81
C PRO B 29 -0.10 -1.68 22.86
N SER B 30 -1.27 -2.25 23.17
CA SER B 30 -2.18 -1.64 24.15
C SER B 30 -1.72 -1.94 25.58
N GLU B 31 -1.05 -3.07 25.75
CA GLU B 31 -0.54 -3.50 27.06
C GLU B 31 0.78 -2.77 27.41
N TYR B 32 1.78 -3.52 27.85
CA TYR B 32 3.08 -2.93 28.17
C TYR B 32 3.80 -2.66 26.84
N VAL B 33 3.78 -1.40 26.41
CA VAL B 33 4.46 -1.02 25.17
C VAL B 33 5.95 -1.01 25.48
N PRO B 34 6.74 -1.87 24.80
CA PRO B 34 8.19 -1.91 25.06
C PRO B 34 8.81 -0.51 25.00
N THR B 35 9.01 0.10 26.17
CA THR B 35 9.60 1.43 26.25
C THR B 35 11.12 1.35 26.05
N VAL B 36 11.51 0.43 25.17
CA VAL B 36 12.90 0.16 24.79
C VAL B 36 12.86 -0.29 23.32
N PHE B 37 13.33 0.58 22.42
CA PHE B 37 13.34 0.29 20.97
C PHE B 37 13.95 -1.06 20.54
N ASP B 38 13.70 -1.45 19.29
CA ASP B 38 14.24 -2.71 18.78
C ASP B 38 14.64 -2.70 17.30
N ASN B 39 14.73 -3.89 16.73
CA ASN B 39 15.09 -4.10 15.34
C ASN B 39 14.26 -5.27 14.80
N TYR B 40 13.44 -4.99 13.79
CA TYR B 40 12.57 -6.01 13.21
C TYR B 40 12.86 -6.35 11.77
N ALA B 41 12.32 -7.49 11.35
CA ALA B 41 12.50 -7.96 9.98
C ALA B 41 11.15 -8.43 9.49
N VAL B 42 10.93 -8.27 8.21
CA VAL B 42 9.70 -8.71 7.59
C VAL B 42 10.11 -9.23 6.24
N THR B 43 9.47 -10.31 5.79
CA THR B 43 9.80 -10.86 4.48
C THR B 43 8.73 -10.33 3.55
N VAL B 44 9.17 -9.79 2.41
CA VAL B 44 8.27 -9.21 1.43
C VAL B 44 8.51 -9.79 0.04
N MET B 45 7.43 -10.15 -0.64
CA MET B 45 7.54 -10.71 -1.98
C MET B 45 7.46 -9.60 -3.01
N ILE B 46 8.49 -9.48 -3.82
CA ILE B 46 8.52 -8.48 -4.87
C ILE B 46 8.87 -9.20 -6.16
N GLY B 47 7.97 -9.13 -7.13
CA GLY B 47 8.21 -9.80 -8.39
C GLY B 47 8.41 -11.29 -8.16
N GLY B 48 7.63 -11.84 -7.22
CA GLY B 48 7.74 -13.26 -6.91
C GLY B 48 9.02 -13.62 -6.18
N GLU B 49 9.79 -12.62 -5.79
CA GLU B 49 11.05 -12.85 -5.11
C GLU B 49 10.98 -12.41 -3.65
N PRO B 50 11.57 -13.21 -2.73
CA PRO B 50 11.54 -12.87 -1.31
C PRO B 50 12.63 -11.86 -0.93
N TYR B 51 12.22 -10.80 -0.24
CA TYR B 51 13.11 -9.74 0.21
C TYR B 51 12.99 -9.59 1.71
N THR B 52 14.10 -9.30 2.37
CA THR B 52 14.05 -9.10 3.81
C THR B 52 13.99 -7.61 4.07
N LEU B 53 12.97 -7.17 4.80
CA LEU B 53 12.81 -5.78 5.12
C LEU B 53 13.18 -5.52 6.56
N GLY B 54 14.33 -4.87 6.75
CA GLY B 54 14.78 -4.55 8.09
C GLY B 54 14.25 -3.21 8.53
N LEU B 55 13.56 -3.19 9.66
CA LEU B 55 13.00 -1.96 10.20
C LEU B 55 13.76 -1.59 11.46
N PHE B 56 14.37 -0.41 11.48
CA PHE B 56 15.16 0.00 12.63
C PHE B 56 14.60 1.17 13.40
N ASP B 57 14.20 0.91 14.65
CA ASP B 57 13.67 1.97 15.50
C ASP B 57 14.85 2.77 16.02
N THR B 58 14.60 3.99 16.50
CA THR B 58 15.67 4.82 17.03
C THR B 58 15.21 5.63 18.24
N ALA B 59 16.17 6.23 18.95
CA ALA B 59 15.89 7.06 20.11
C ALA B 59 15.96 8.53 19.71
N GLY B 60 14.84 9.24 19.91
CA GLY B 60 14.76 10.65 19.55
C GLY B 60 15.26 11.70 20.54
N GLN B 61 15.77 11.27 21.69
CA GLN B 61 16.29 12.20 22.69
C GLN B 61 17.59 12.82 22.20
N GLU B 62 17.84 14.07 22.61
CA GLU B 62 19.05 14.76 22.20
C GLU B 62 20.28 13.98 22.65
N ASP B 63 20.20 13.38 23.83
CA ASP B 63 21.28 12.61 24.42
C ASP B 63 21.73 11.42 23.58
N TYR B 64 21.02 11.19 22.47
CA TYR B 64 21.34 10.09 21.58
C TYR B 64 21.82 10.63 20.25
N ASP B 65 21.90 11.95 20.13
CA ASP B 65 22.37 12.60 18.92
C ASP B 65 23.71 12.01 18.56
N ARG B 66 24.46 11.64 19.60
CA ARG B 66 25.80 11.05 19.49
C ARG B 66 25.74 9.64 18.93
N LEU B 67 24.86 8.84 19.52
CA LEU B 67 24.70 7.45 19.12
C LEU B 67 23.83 7.28 17.86
N ARG B 68 22.55 7.63 17.95
CA ARG B 68 21.58 7.48 16.86
C ARG B 68 22.10 7.30 15.43
N PRO B 69 22.89 8.26 14.90
CA PRO B 69 23.41 8.12 13.53
C PRO B 69 24.23 6.87 13.27
N LEU B 70 24.50 6.09 14.31
CA LEU B 70 25.28 4.86 14.16
C LEU B 70 24.51 3.81 13.38
N SER B 71 23.18 3.96 13.32
CA SER B 71 22.32 3.01 12.61
C SER B 71 22.15 3.37 11.13
N TYR B 72 22.32 4.64 10.80
CA TYR B 72 22.16 5.12 9.44
C TYR B 72 22.92 4.42 8.32
N PRO B 73 24.12 3.91 8.60
CA PRO B 73 24.82 3.23 7.49
C PRO B 73 23.99 2.11 6.90
N GLN B 74 23.99 2.03 5.57
CA GLN B 74 23.25 0.98 4.87
C GLN B 74 21.75 1.23 4.63
N THR B 75 21.20 2.26 5.27
CA THR B 75 19.78 2.56 5.10
C THR B 75 19.46 2.81 3.63
N ASP B 76 18.35 2.24 3.17
CA ASP B 76 17.91 2.41 1.79
C ASP B 76 16.88 3.52 1.73
N VAL B 77 16.20 3.75 2.85
CA VAL B 77 15.18 4.79 2.94
C VAL B 77 14.89 5.09 4.40
N PHE B 78 14.49 6.33 4.68
CA PHE B 78 14.19 6.74 6.03
C PHE B 78 12.72 7.10 6.16
N LEU B 79 12.22 7.01 7.39
CA LEU B 79 10.85 7.39 7.65
C LEU B 79 10.95 8.50 8.68
N VAL B 80 10.76 9.74 8.25
CA VAL B 80 10.81 10.88 9.15
C VAL B 80 9.40 11.06 9.70
N CYS B 81 9.22 10.70 10.96
CA CYS B 81 7.90 10.78 11.57
C CYS B 81 7.63 11.93 12.52
N PHE B 82 6.37 12.37 12.50
CA PHE B 82 5.88 13.44 13.35
C PHE B 82 4.40 13.10 13.57
N SER B 83 3.87 13.49 14.71
CA SER B 83 2.48 13.23 15.01
C SER B 83 1.66 14.37 14.42
N VAL B 84 0.58 14.06 13.72
CA VAL B 84 -0.25 15.10 13.15
C VAL B 84 -1.01 15.88 14.23
N VAL B 85 -0.73 15.56 15.49
CA VAL B 85 -1.37 16.25 16.61
C VAL B 85 -0.34 16.92 17.50
N SER B 86 0.92 16.89 17.06
CA SER B 86 1.99 17.52 17.82
C SER B 86 2.75 18.47 16.90
N PRO B 87 2.49 19.79 17.01
CA PRO B 87 3.14 20.81 16.19
C PRO B 87 4.65 20.82 16.41
N SER B 88 5.05 20.57 17.65
CA SER B 88 6.45 20.53 18.03
C SER B 88 7.15 19.49 17.17
N SER B 89 6.60 18.28 17.16
CA SER B 89 7.14 17.18 16.37
C SER B 89 7.21 17.54 14.90
N PHE B 90 6.21 18.26 14.43
CA PHE B 90 6.13 18.67 13.02
C PHE B 90 7.21 19.69 12.67
N GLU B 91 7.28 20.78 13.41
CA GLU B 91 8.30 21.79 13.13
C GLU B 91 9.68 21.16 13.26
N ASN B 92 9.85 20.37 14.31
CA ASN B 92 11.12 19.72 14.57
C ASN B 92 11.60 18.76 13.49
N VAL B 93 10.77 18.55 12.47
CA VAL B 93 11.13 17.65 11.38
C VAL B 93 12.06 18.37 10.41
N LYS B 94 11.72 19.61 10.09
CA LYS B 94 12.50 20.45 9.18
C LYS B 94 13.77 20.97 9.82
N GLU B 95 13.68 21.29 11.11
CA GLU B 95 14.81 21.83 11.85
C GLU B 95 15.86 20.77 12.21
N LYS B 96 15.41 19.60 12.65
CA LYS B 96 16.34 18.55 13.08
C LYS B 96 16.52 17.32 12.19
N TRP B 97 15.48 16.48 12.15
CA TRP B 97 15.49 15.22 11.41
C TRP B 97 15.89 15.23 9.94
N VAL B 98 15.26 16.08 9.14
CA VAL B 98 15.61 16.12 7.73
C VAL B 98 17.09 16.48 7.61
N PRO B 99 17.51 17.56 8.29
CA PRO B 99 18.93 17.97 8.21
C PRO B 99 19.87 16.81 8.56
N GLU B 100 19.61 16.17 9.69
CA GLU B 100 20.42 15.04 10.13
C GLU B 100 20.55 13.99 9.02
N ILE B 101 19.42 13.43 8.61
CA ILE B 101 19.37 12.40 7.56
C ILE B 101 20.10 12.82 6.28
N THR B 102 19.83 14.05 5.83
CA THR B 102 20.43 14.57 4.60
C THR B 102 21.94 14.70 4.76
N HIS B 103 22.39 15.06 5.95
CA HIS B 103 23.81 15.22 6.22
C HIS B 103 24.59 13.93 5.98
N HIS B 104 24.30 12.88 6.75
CA HIS B 104 24.99 11.59 6.62
C HIS B 104 24.62 10.85 5.32
N CYS B 105 23.32 10.67 5.12
CA CYS B 105 22.79 9.98 3.96
C CYS B 105 22.14 11.03 3.08
N PRO B 106 22.94 11.66 2.23
CA PRO B 106 22.49 12.71 1.32
C PRO B 106 21.79 12.11 0.11
N LYS B 107 22.25 10.93 -0.30
CA LYS B 107 21.65 10.27 -1.44
C LYS B 107 20.50 9.35 -1.04
N THR B 108 20.34 9.14 0.26
CA THR B 108 19.28 8.27 0.77
C THR B 108 17.91 8.92 0.81
N PRO B 109 16.94 8.34 0.07
CA PRO B 109 15.56 8.85 0.01
C PRO B 109 14.84 8.75 1.35
N PHE B 110 13.81 9.57 1.54
CA PHE B 110 13.07 9.52 2.77
C PHE B 110 11.61 9.90 2.54
N LEU B 111 10.74 9.38 3.41
CA LEU B 111 9.33 9.68 3.32
C LEU B 111 8.96 10.46 4.56
N LEU B 112 7.95 11.32 4.42
CA LEU B 112 7.47 12.09 5.56
C LEU B 112 6.27 11.29 6.08
N VAL B 113 6.28 10.97 7.37
CA VAL B 113 5.18 10.20 7.91
C VAL B 113 4.41 10.86 9.02
N GLY B 114 3.12 11.09 8.77
CA GLY B 114 2.27 11.66 9.80
C GLY B 114 1.74 10.48 10.58
N THR B 115 1.89 10.54 11.91
CA THR B 115 1.42 9.43 12.74
C THR B 115 0.27 9.84 13.65
N GLN B 116 -0.48 8.84 14.13
CA GLN B 116 -1.60 9.07 15.02
C GLN B 116 -2.72 9.91 14.42
N ILE B 117 -3.00 9.68 13.14
CA ILE B 117 -4.03 10.44 12.46
C ILE B 117 -5.44 10.21 13.02
N ASP B 118 -5.58 9.22 13.89
CA ASP B 118 -6.88 8.94 14.50
C ASP B 118 -7.24 10.01 15.53
N LEU B 119 -6.20 10.65 16.08
CA LEU B 119 -6.37 11.69 17.08
C LEU B 119 -6.73 13.05 16.49
N ARG B 120 -6.72 13.14 15.17
CA ARG B 120 -7.06 14.38 14.51
C ARG B 120 -8.53 14.69 14.69
N ASP B 121 -9.36 13.68 14.50
CA ASP B 121 -10.80 13.85 14.65
C ASP B 121 -11.23 13.74 16.11
N ASP B 122 -10.34 13.24 16.95
CA ASP B 122 -10.61 13.06 18.38
C ASP B 122 -10.95 14.40 19.06
N PRO B 123 -12.08 14.45 19.78
CA PRO B 123 -12.51 15.68 20.46
C PRO B 123 -11.62 16.01 21.65
N SER B 124 -11.46 15.05 22.55
CA SER B 124 -10.64 15.22 23.73
C SER B 124 -9.28 15.85 23.38
N THR B 125 -8.82 15.62 22.16
CA THR B 125 -7.53 16.14 21.70
C THR B 125 -7.56 17.62 21.29
N ILE B 126 -8.23 17.92 20.18
CA ILE B 126 -8.33 19.29 19.69
C ILE B 126 -8.82 20.27 20.75
N GLU B 127 -9.34 19.72 21.85
CA GLU B 127 -9.83 20.55 22.96
C GLU B 127 -8.66 21.17 23.71
N LYS B 128 -7.60 20.39 23.94
CA LYS B 128 -6.43 20.90 24.62
C LYS B 128 -5.42 21.40 23.60
N LEU B 129 -5.82 21.37 22.34
CA LEU B 129 -4.96 21.83 21.24
C LEU B 129 -5.11 23.33 21.07
N ALA B 130 -6.34 23.82 21.17
CA ALA B 130 -6.60 25.24 21.04
C ALA B 130 -6.05 25.95 22.28
N LYS B 131 -5.46 25.18 23.19
CA LYS B 131 -4.86 25.75 24.40
C LYS B 131 -3.52 26.41 24.07
N ASN B 132 -3.43 26.83 22.82
CA ASN B 132 -2.25 27.52 22.27
C ASN B 132 -2.63 27.87 20.84
N LYS B 133 -3.92 28.10 20.63
CA LYS B 133 -4.50 28.44 19.34
C LYS B 133 -3.97 27.60 18.18
N GLN B 134 -3.54 26.39 18.49
CA GLN B 134 -3.03 25.48 17.47
C GLN B 134 -4.07 24.44 17.09
N LYS B 135 -3.85 23.83 15.93
CA LYS B 135 -4.75 22.81 15.41
C LYS B 135 -3.93 21.65 14.82
N PRO B 136 -4.56 20.48 14.61
CA PRO B 136 -3.82 19.34 14.04
C PRO B 136 -3.13 19.64 12.71
N ILE B 137 -1.88 19.20 12.57
CA ILE B 137 -1.14 19.39 11.34
C ILE B 137 -1.98 18.82 10.21
N THR B 138 -2.12 19.61 9.15
CA THR B 138 -2.92 19.18 8.03
C THR B 138 -2.08 18.43 7.03
N PRO B 139 -2.71 17.54 6.24
CA PRO B 139 -2.03 16.74 5.22
C PRO B 139 -1.37 17.67 4.21
N GLU B 140 -2.11 18.68 3.78
CA GLU B 140 -1.63 19.67 2.82
C GLU B 140 -0.45 20.44 3.43
N THR B 141 -0.61 20.86 4.70
CA THR B 141 0.46 21.56 5.40
C THR B 141 1.68 20.64 5.34
N ALA B 142 1.46 19.39 5.72
CA ALA B 142 2.51 18.36 5.74
C ALA B 142 2.99 18.07 4.32
N GLU B 143 2.03 17.97 3.40
CA GLU B 143 2.34 17.70 1.99
C GLU B 143 3.22 18.81 1.44
N LYS B 144 2.98 20.02 1.95
CA LYS B 144 3.75 21.19 1.53
C LYS B 144 5.16 21.05 2.07
N LEU B 145 5.27 20.75 3.36
CA LEU B 145 6.58 20.58 3.97
C LEU B 145 7.37 19.50 3.22
N ALA B 146 6.67 18.43 2.87
CA ALA B 146 7.28 17.33 2.15
C ALA B 146 7.84 17.84 0.83
N ARG B 147 7.03 18.62 0.11
CA ARG B 147 7.43 19.19 -1.17
C ARG B 147 8.70 20.01 -0.98
N ASP B 148 8.68 20.95 -0.03
CA ASP B 148 9.82 21.81 0.25
C ASP B 148 11.08 21.02 0.59
N LEU B 149 11.02 20.26 1.67
CA LEU B 149 12.17 19.48 2.12
C LEU B 149 12.60 18.40 1.12
N LYS B 150 11.82 18.24 0.07
CA LYS B 150 12.14 17.26 -0.96
C LYS B 150 12.08 15.81 -0.50
N ALA B 151 11.02 15.48 0.22
CA ALA B 151 10.81 14.12 0.67
C ALA B 151 10.26 13.37 -0.54
N VAL B 152 10.39 12.05 -0.56
CA VAL B 152 9.86 11.28 -1.69
C VAL B 152 8.35 11.47 -1.82
N LYS B 153 7.67 11.59 -0.68
CA LYS B 153 6.23 11.80 -0.67
C LYS B 153 5.75 11.84 0.77
N TYR B 154 4.53 12.31 1.00
CA TYR B 154 3.99 12.34 2.35
C TYR B 154 2.98 11.23 2.53
N VAL B 155 3.01 10.61 3.71
CA VAL B 155 2.10 9.52 4.05
C VAL B 155 1.80 9.60 5.56
N GLU B 156 0.57 9.31 5.94
CA GLU B 156 0.23 9.33 7.35
C GLU B 156 -0.52 8.04 7.67
N CYS B 157 -0.71 7.80 8.97
CA CYS B 157 -1.37 6.59 9.40
C CYS B 157 -1.65 6.59 10.87
N SER B 158 -2.27 5.51 11.33
CA SER B 158 -2.59 5.34 12.73
C SER B 158 -2.14 3.95 13.10
N ALA B 159 -1.17 3.87 14.00
CA ALA B 159 -0.67 2.58 14.45
C ALA B 159 -1.82 1.93 15.22
N LEU B 160 -2.69 2.78 15.76
CA LEU B 160 -3.84 2.33 16.53
C LEU B 160 -4.92 1.68 15.70
N THR B 161 -5.43 2.39 14.69
CA THR B 161 -6.47 1.80 13.84
C THR B 161 -5.84 1.10 12.65
N GLN B 162 -4.53 1.24 12.51
CA GLN B 162 -3.77 0.62 11.42
C GLN B 162 -4.09 1.20 10.04
N LYS B 163 -4.91 2.24 10.02
CA LYS B 163 -5.30 2.88 8.77
C LYS B 163 -4.06 3.39 8.04
N GLY B 164 -3.89 2.97 6.79
CA GLY B 164 -2.76 3.41 5.99
C GLY B 164 -1.39 2.90 6.44
N LEU B 165 -1.36 2.15 7.53
CA LEU B 165 -0.12 1.61 8.08
C LEU B 165 0.65 0.75 7.08
N LYS B 166 -0.06 -0.17 6.43
CA LYS B 166 0.56 -1.06 5.44
C LYS B 166 1.13 -0.23 4.30
N ASN B 167 0.32 0.71 3.82
CA ASN B 167 0.69 1.60 2.73
C ASN B 167 1.98 2.39 3.03
N VAL B 168 2.13 2.83 4.27
CA VAL B 168 3.32 3.59 4.67
C VAL B 168 4.57 2.79 4.31
N PHE B 169 4.54 1.50 4.62
CA PHE B 169 5.68 0.63 4.33
C PHE B 169 5.75 0.15 2.90
N ASP B 170 4.62 0.19 2.20
CA ASP B 170 4.57 -0.22 0.80
C ASP B 170 5.35 0.85 0.03
N GLU B 171 5.07 2.11 0.36
CA GLU B 171 5.72 3.25 -0.26
C GLU B 171 7.20 3.23 0.07
N ALA B 172 7.52 2.88 1.31
CA ALA B 172 8.91 2.78 1.75
C ALA B 172 9.67 1.86 0.80
N ILE B 173 9.09 0.69 0.55
CA ILE B 173 9.68 -0.31 -0.32
C ILE B 173 9.86 0.23 -1.73
N LEU B 174 8.78 0.81 -2.27
CA LEU B 174 8.84 1.37 -3.61
C LEU B 174 9.96 2.38 -3.71
N ALA B 175 10.03 3.27 -2.73
CA ALA B 175 11.06 4.28 -2.70
C ALA B 175 12.45 3.67 -2.51
N ALA B 176 12.54 2.64 -1.69
CA ALA B 176 13.80 1.99 -1.42
C ALA B 176 14.38 1.21 -2.57
N LEU B 177 13.52 0.57 -3.37
CA LEU B 177 13.99 -0.24 -4.50
C LEU B 177 15.15 0.40 -5.29
N GLU B 178 16.34 -0.20 -5.15
CA GLU B 178 17.55 0.31 -5.80
C GLU B 178 17.62 0.04 -7.31
N PRO B 179 18.66 0.58 -7.98
CA PRO B 179 18.91 0.42 -9.42
C PRO B 179 20.04 -0.57 -9.70
N PRO B 180 19.83 -1.48 -10.67
CA PRO B 180 20.90 -2.44 -10.96
C PRO B 180 22.15 -1.77 -11.52
N GLU B 181 21.94 -0.73 -12.36
CA GLU B 181 23.03 0.02 -12.99
C GLU B 181 24.26 0.05 -12.07
N PRO B 182 25.49 -0.05 -12.65
CA PRO B 182 26.76 -0.06 -11.93
C PRO B 182 26.70 0.46 -10.48
N LYS B 183 25.99 -0.29 -9.64
CA LYS B 183 25.80 0.04 -8.24
C LYS B 183 25.57 1.54 -8.00
N LYS B 184 24.56 2.09 -8.67
CA LYS B 184 24.19 3.50 -8.55
C LYS B 184 23.23 3.60 -7.36
N SER B 185 23.65 3.04 -6.23
CA SER B 185 22.81 3.01 -5.02
C SER B 185 22.68 4.30 -4.21
N ARG B 186 21.63 4.34 -3.38
CA ARG B 186 21.33 5.47 -2.51
C ARG B 186 21.52 5.06 -1.04
N ARG B 187 22.20 3.93 -0.84
CA ARG B 187 22.47 3.37 0.48
C ARG B 187 23.45 4.24 1.25
N CYS B 188 23.08 4.57 2.48
CA CYS B 188 23.92 5.41 3.32
C CYS B 188 25.32 4.87 3.55
N VAL B 189 26.28 5.78 3.74
CA VAL B 189 27.68 5.41 3.94
C VAL B 189 28.42 6.31 4.94
N LEU B 190 29.23 5.68 5.79
CA LEU B 190 30.02 6.39 6.79
C LEU B 190 30.80 7.54 6.15
MG MG C . -17.30 -2.36 -15.00
PB GDP D . -18.45 -3.77 -12.40
O1B GDP D . -19.46 -3.96 -13.44
O2B GDP D . -17.74 -4.96 -11.84
O3B GDP D . -17.39 -2.79 -12.86
O3A GDP D . -19.19 -2.97 -11.29
PA GDP D . -19.41 -1.40 -10.99
O1A GDP D . -20.23 -0.84 -12.06
O2A GDP D . -18.13 -0.73 -10.69
O5' GDP D . -20.26 -1.65 -9.69
C5' GDP D . -21.56 -2.29 -9.72
C4' GDP D . -22.43 -1.85 -8.52
O4' GDP D . -21.65 -1.98 -7.34
C3' GDP D . -22.87 -0.39 -8.49
O3' GDP D . -24.18 -0.26 -7.95
C2' GDP D . -21.84 0.31 -7.66
O2' GDP D . -22.16 1.57 -7.17
C1' GDP D . -21.59 -0.72 -6.62
N9 GDP D . -20.26 -0.70 -5.92
C8 GDP D . -18.99 -0.76 -6.44
N7 GDP D . -18.01 -0.73 -5.58
C5 GDP D . -18.67 -0.64 -4.36
C6 GDP D . -18.15 -0.56 -2.98
O6 GDP D . -16.97 -0.58 -2.64
N1 GDP D . -19.18 -0.48 -1.98
C2 GDP D . -20.56 -0.47 -2.24
N2 GDP D . -21.40 -0.38 -1.22
N3 GDP D . -21.07 -0.53 -3.51
C4 GDP D . -20.07 -0.62 -4.53
N3B GNH E . 8.69 7.46 21.76
PB GNH E . 8.15 6.71 20.60
O1B GNH E . 8.69 5.29 20.63
O2B GNH E . 8.37 7.22 19.22
O3A GNH E . 6.62 6.57 20.92
PA GNH E . 5.70 5.35 21.46
O1A GNH E . 6.13 5.03 22.84
O2A GNH E . 5.68 4.24 20.46
O5' GNH E . 4.34 6.16 21.43
C5' GNH E . 4.06 7.28 22.29
C4' GNH E . 2.62 7.23 22.89
O4' GNH E . 1.69 7.37 21.83
C3' GNH E . 2.20 5.94 23.58
O3' GNH E . 1.48 6.20 24.78
C2' GNH E . 1.38 5.16 22.57
O2' GNH E . 0.52 4.13 23.08
C1' GNH E . 0.73 6.29 21.77
N9 GNH E . 0.55 6.09 20.28
C8 GNH E . 1.45 5.65 19.35
N7 GNH E . 1.03 5.58 18.10
C5 GNH E . -0.30 6.01 18.18
C6 GNH E . -1.34 6.17 17.13
O6 GNH E . -1.21 5.94 15.93
N1 GNH E . -2.61 6.65 17.62
C2 GNH E . -2.90 6.96 18.99
N2 GNH E . -4.13 7.40 19.29
N3 GNH E . -1.94 6.83 19.99
C4 GNH E . -0.64 6.34 19.52
#